data_5FZA
#
_entry.id   5FZA
#
_cell.length_a   141.370
_cell.length_b   141.370
_cell.length_c   153.105
_cell.angle_alpha   90.00
_cell.angle_beta   90.00
_cell.angle_gamma   120.00
#
_symmetry.space_group_name_H-M   'P 65 2 2'
#
loop_
_entity.id
_entity.type
_entity.pdbx_description
1 polymer 'LYSINE-SPECIFIC DEMETHYLASE 5B'
2 non-polymer 'ZINC ION'
3 non-polymer 'CHLORIDE ION'
4 non-polymer 'MANGANESE (II) ION'
5 non-polymer 2-piperidin-4-yloxy-5-(trifluoromethyl)pyridine
6 non-polymer 1,2-ETHANEDIOL
7 non-polymer 'DIMETHYL SULFOXIDE'
8 water water
#
_entity_poly.entity_id   1
_entity_poly.type   'polypeptide(L)'
_entity_poly.pdbx_seq_one_letter_code
;SMFLPPPECPVFEPSWEEFADPFAFIHKIRPIAEQTGICKVRPPPDWQPPFACDVDKLHFTPRIQRLNELEAQTRVKLGG
GGARDYTLRTFGEMADAFKSDYFNMPVHMVPTELVEKEFWRLVSTIEEDVTVEYGADIASKEFGSGFPVRDGKIKLSPEE
EEYLDSGWNLNNMPVMEQSVLAHITADICGMKLPWLYVGMCFSSFCWHIEDHWSYSINYLHWGEPKTWYGVPGYAAEQLE
NVMKKLAPELFVSQPDLLHQLVTIMNPNTLMTHEVPVYRTNQCAGEFVITFPRAYHSGFNQGFNFAEAVNFCTVDWLPLG
RQCVEHYRLLHRYCVFSHDEMICKMASKADVLDVVVASTVQKDMAIMIEDEKALRETVRKLGVIDSERMDFELLPDDERQ
CVKCKTTCFMSAISCSCKPGLLVCLHHVKELCSCPPYKYKLRYRYTLDDLYPMMNALKLRAESYNEWALNVNEALEAKI
;
_entity_poly.pdbx_strand_id   A
#
# COMPACT_ATOMS: atom_id res chain seq x y z
N SER A 1 -2.65 -29.22 15.99
CA SER A 1 -2.87 -30.24 14.97
C SER A 1 -3.76 -29.68 13.86
N MET A 2 -3.49 -30.09 12.62
CA MET A 2 -4.12 -29.49 11.44
C MET A 2 -3.88 -27.96 11.43
N PHE A 3 -4.84 -27.14 11.85
CA PHE A 3 -4.65 -25.67 11.86
C PHE A 3 -4.89 -25.03 13.22
N LEU A 4 -3.89 -24.35 13.74
CA LEU A 4 -4.06 -23.61 14.98
C LEU A 4 -4.18 -22.13 14.65
N PRO A 5 -5.38 -21.57 14.79
CA PRO A 5 -5.59 -20.14 14.49
C PRO A 5 -4.65 -19.25 15.29
N PRO A 6 -4.02 -18.28 14.63
CA PRO A 6 -3.22 -17.30 15.36
C PRO A 6 -4.08 -16.55 16.38
N PRO A 7 -3.45 -15.97 17.41
CA PRO A 7 -4.18 -15.14 18.34
C PRO A 7 -4.91 -14.00 17.63
N GLU A 8 -5.97 -13.50 18.25
CA GLU A 8 -6.74 -12.39 17.67
C GLU A 8 -5.95 -11.08 17.70
N CYS A 9 -6.01 -10.32 16.61
CA CYS A 9 -5.43 -8.98 16.60
C CYS A 9 -6.32 -8.07 17.46
N PRO A 10 -5.80 -6.89 17.86
CA PRO A 10 -6.57 -5.91 18.63
C PRO A 10 -7.83 -5.47 17.92
N VAL A 11 -8.89 -5.23 18.69
CA VAL A 11 -10.15 -4.72 18.15
C VAL A 11 -10.52 -3.46 18.93
N PHE A 12 -10.70 -2.36 18.23
CA PHE A 12 -10.98 -1.09 18.89
C PHE A 12 -12.42 -0.68 18.62
N GLU A 13 -13.04 -0.10 19.66
CA GLU A 13 -14.39 0.42 19.55
C GLU A 13 -14.41 1.85 20.02
N PRO A 14 -13.99 2.78 19.15
CA PRO A 14 -13.93 4.19 19.55
C PRO A 14 -15.31 4.81 19.76
N SER A 15 -15.41 5.72 20.72
CA SER A 15 -16.57 6.58 20.86
C SER A 15 -16.59 7.53 19.69
N TRP A 16 -17.69 8.27 19.49
N TRP A 16 -17.70 8.26 19.52
CA TRP A 16 -17.76 9.20 18.37
CA TRP A 16 -17.84 9.25 18.46
C TRP A 16 -16.67 10.28 18.49
C TRP A 16 -16.72 10.28 18.50
N GLU A 17 -16.41 10.72 19.71
CA GLU A 17 -15.37 11.72 19.94
C GLU A 17 -14.00 11.18 19.50
N GLU A 18 -13.67 9.96 19.93
CA GLU A 18 -12.44 9.30 19.49
C GLU A 18 -12.43 9.08 17.98
N PHE A 19 -13.60 8.74 17.43
CA PHE A 19 -13.74 8.29 16.04
C PHE A 19 -13.65 9.41 15.02
N ALA A 20 -14.23 10.56 15.37
CA ALA A 20 -14.37 11.71 14.47
C ALA A 20 -13.10 12.04 13.67
N ASP A 21 -11.95 11.96 14.31
CA ASP A 21 -10.70 12.25 13.62
C ASP A 21 -9.88 10.99 13.42
N PRO A 22 -9.92 10.42 12.20
CA PRO A 22 -9.23 9.16 11.90
C PRO A 22 -7.74 9.24 12.18
N PHE A 23 -7.11 10.37 11.86
CA PHE A 23 -5.66 10.48 12.02
C PHE A 23 -5.26 10.57 13.47
N ALA A 24 -6.02 11.33 14.26
CA ALA A 24 -5.81 11.33 15.71
C ALA A 24 -6.03 9.94 16.31
N PHE A 25 -7.06 9.26 15.85
CA PHE A 25 -7.38 7.94 16.39
C PHE A 25 -6.28 6.92 16.05
N ILE A 26 -5.86 6.92 14.79
CA ILE A 26 -4.84 5.99 14.34
C ILE A 26 -3.55 6.22 15.11
N HIS A 27 -3.19 7.49 15.29
CA HIS A 27 -2.02 7.84 16.07
C HIS A 27 -2.17 7.32 17.50
N LYS A 28 -3.38 7.38 18.03
CA LYS A 28 -3.64 6.94 19.41
C LYS A 28 -3.41 5.44 19.60
N ILE A 29 -3.95 4.63 18.70
CA ILE A 29 -3.85 3.18 18.84
C ILE A 29 -2.51 2.62 18.39
N ARG A 30 -1.71 3.47 17.74
CA ARG A 30 -0.48 3.02 17.11
C ARG A 30 0.49 2.24 18.02
N PRO A 31 0.70 2.69 19.28
CA PRO A 31 1.61 1.90 20.11
C PRO A 31 1.14 0.46 20.26
N ILE A 32 -0.17 0.24 20.30
CA ILE A 32 -0.75 -1.10 20.40
C ILE A 32 -0.70 -1.86 19.08
N ALA A 33 -1.33 -1.27 18.06
CA ALA A 33 -1.54 -1.95 16.80
C ALA A 33 -0.26 -2.25 16.02
N GLU A 34 0.76 -1.41 16.17
CA GLU A 34 1.99 -1.62 15.41
C GLU A 34 2.74 -2.85 15.93
N GLN A 35 2.37 -3.31 17.13
CA GLN A 35 2.95 -4.55 17.66
C GLN A 35 2.31 -5.78 17.02
N THR A 36 1.17 -5.59 16.35
CA THR A 36 0.42 -6.71 15.77
C THR A 36 0.26 -6.58 14.26
N GLY A 37 0.64 -5.42 13.72
CA GLY A 37 0.66 -5.24 12.28
C GLY A 37 -0.70 -4.86 11.72
N ILE A 38 -1.74 -5.58 12.12
CA ILE A 38 -3.10 -5.22 11.73
C ILE A 38 -3.95 -5.01 12.97
N CYS A 39 -5.04 -4.27 12.81
CA CYS A 39 -6.04 -4.16 13.87
C CYS A 39 -7.39 -3.96 13.21
N LYS A 40 -8.45 -4.16 13.98
CA LYS A 40 -9.81 -4.00 13.47
C LYS A 40 -10.46 -2.82 14.19
N VAL A 41 -11.24 -2.04 13.47
CA VAL A 41 -11.91 -0.91 14.08
C VAL A 41 -13.40 -1.01 13.86
N ARG A 42 -14.16 -1.07 14.96
CA ARG A 42 -15.62 -1.03 14.89
C ARG A 42 -16.09 0.40 15.11
N PRO A 43 -16.67 1.01 14.09
CA PRO A 43 -17.17 2.38 14.22
C PRO A 43 -18.33 2.42 15.20
N PRO A 44 -18.59 3.57 15.82
CA PRO A 44 -19.78 3.77 16.66
C PRO A 44 -21.04 3.24 15.99
N PRO A 45 -22.00 2.75 16.80
CA PRO A 45 -23.13 1.96 16.28
C PRO A 45 -23.99 2.72 15.26
N ASP A 46 -24.03 4.04 15.37
CA ASP A 46 -24.86 4.84 14.48
C ASP A 46 -24.08 5.45 13.31
N TRP A 47 -22.76 5.23 13.25
CA TRP A 47 -22.03 5.53 12.01
C TRP A 47 -22.39 4.46 10.99
N GLN A 48 -23.30 4.80 10.09
CA GLN A 48 -23.90 3.82 9.18
C GLN A 48 -23.96 4.40 7.78
N PRO A 49 -22.83 4.32 7.05
CA PRO A 49 -22.78 4.86 5.69
C PRO A 49 -23.80 4.15 4.82
N PRO A 50 -24.53 4.90 3.99
CA PRO A 50 -25.56 4.28 3.16
C PRO A 50 -24.95 3.45 2.04
N PHE A 51 -25.36 2.21 1.89
CA PHE A 51 -24.93 1.48 0.70
C PHE A 51 -26.08 1.18 -0.25
N ALA A 52 -25.88 1.51 -1.53
CA ALA A 52 -26.88 1.25 -2.54
C ALA A 52 -26.22 1.08 -3.92
N CYS A 53 -26.62 0.04 -4.62
CA CYS A 53 -26.15 -0.23 -5.98
C CYS A 53 -27.11 -1.12 -6.76
N ASP A 54 -27.12 -0.95 -8.08
CA ASP A 54 -27.88 -1.85 -8.96
C ASP A 54 -26.97 -3.00 -9.36
N VAL A 55 -27.31 -4.19 -8.91
CA VAL A 55 -26.44 -5.33 -9.13
C VAL A 55 -26.39 -5.75 -10.58
N ASP A 56 -27.31 -5.22 -11.38
CA ASP A 56 -27.37 -5.61 -12.79
C ASP A 56 -26.58 -4.65 -13.68
N LYS A 57 -26.28 -3.46 -13.17
CA LYS A 57 -25.58 -2.46 -13.98
C LYS A 57 -24.11 -2.30 -13.58
N LEU A 58 -23.71 -2.98 -12.52
CA LEU A 58 -22.30 -2.99 -12.17
C LEU A 58 -21.65 -4.21 -12.81
N HIS A 59 -20.69 -3.98 -13.70
CA HIS A 59 -19.95 -5.00 -14.45
CA HIS A 59 -19.98 -5.11 -14.26
C HIS A 59 -18.49 -4.98 -14.01
N PHE A 60 -17.79 -6.11 -14.10
CA PHE A 60 -16.34 -6.12 -13.91
C PHE A 60 -15.74 -7.38 -14.48
N THR A 61 -14.45 -7.30 -14.79
CA THR A 61 -13.72 -8.39 -15.38
C THR A 61 -13.06 -9.18 -14.26
N PRO A 62 -13.45 -10.45 -14.11
CA PRO A 62 -12.91 -11.25 -13.01
C PRO A 62 -11.48 -11.70 -13.26
N ARG A 63 -10.71 -11.85 -12.19
CA ARG A 63 -9.43 -12.53 -12.26
C ARG A 63 -9.64 -13.96 -11.78
N ILE A 64 -8.89 -14.90 -12.36
CA ILE A 64 -8.99 -16.30 -11.95
C ILE A 64 -7.82 -16.65 -11.03
N GLN A 65 -8.09 -17.48 -10.03
CA GLN A 65 -7.09 -17.74 -9.04
C GLN A 65 -7.02 -19.23 -8.71
N ARG A 66 -5.83 -19.82 -8.89
CA ARG A 66 -5.56 -21.16 -8.37
C ARG A 66 -5.18 -21.02 -6.90
N LEU A 67 -5.51 -22.03 -6.10
CA LEU A 67 -5.26 -21.97 -4.67
C LEU A 67 -4.24 -23.00 -4.18
N ASN A 68 -2.96 -22.73 -4.43
CA ASN A 68 -1.87 -23.60 -4.01
C ASN A 68 -0.85 -22.90 -3.14
N GLU A 69 -0.66 -23.42 -1.94
CA GLU A 69 0.34 -22.86 -1.04
C GLU A 69 1.70 -22.83 -1.73
N LEU A 70 2.42 -21.74 -1.53
CA LEU A 70 3.78 -21.53 -2.05
C LEU A 70 3.83 -21.32 -3.57
N GLU A 71 2.71 -21.43 -4.26
CA GLU A 71 2.71 -21.19 -5.70
C GLU A 71 2.74 -19.69 -6.03
N ALA A 72 3.53 -19.34 -7.05
CA ALA A 72 3.69 -17.95 -7.44
C ALA A 72 2.42 -17.37 -8.05
N GLN A 73 2.02 -16.21 -7.55
CA GLN A 73 0.96 -15.41 -8.18
C GLN A 73 1.51 -14.00 -8.42
N THR A 74 0.99 -13.32 -9.45
CA THR A 74 1.43 -11.96 -9.71
C THR A 74 0.42 -10.97 -9.13
N ARG A 75 0.93 -9.84 -8.62
CA ARG A 75 0.11 -8.85 -7.91
C ARG A 75 -1.07 -8.30 -8.72
N VAL A 76 -0.85 -8.02 -10.01
CA VAL A 76 -1.94 -7.54 -10.86
C VAL A 76 -1.91 -8.18 -12.26
N LYS A 77 -2.97 -7.93 -13.04
CA LYS A 77 -3.05 -8.47 -14.41
C LYS A 77 -3.58 -7.42 -15.39
N ASP A 85 -16.61 -11.49 -18.34
CA ASP A 85 -17.25 -10.36 -17.67
C ASP A 85 -18.48 -10.77 -16.84
N TYR A 86 -18.52 -10.35 -15.58
CA TYR A 86 -19.64 -10.62 -14.67
C TYR A 86 -20.39 -9.34 -14.33
N THR A 87 -21.69 -9.44 -14.09
CA THR A 87 -22.35 -8.37 -13.34
C THR A 87 -22.18 -8.71 -11.88
N LEU A 88 -22.41 -7.74 -11.02
CA LEU A 88 -22.38 -8.01 -9.59
C LEU A 88 -23.37 -9.14 -9.27
N ARG A 89 -24.51 -9.18 -9.96
CA ARG A 89 -25.48 -10.27 -9.70
C ARG A 89 -24.99 -11.64 -10.16
N THR A 90 -24.50 -11.73 -11.40
CA THR A 90 -24.08 -13.03 -11.94
C THR A 90 -22.86 -13.56 -11.16
N PHE A 91 -22.00 -12.65 -10.71
CA PHE A 91 -20.89 -13.08 -9.86
C PHE A 91 -21.42 -13.62 -8.54
N GLY A 92 -22.35 -12.88 -7.93
CA GLY A 92 -22.97 -13.29 -6.67
C GLY A 92 -23.61 -14.67 -6.78
N GLU A 93 -24.30 -14.90 -7.88
CA GLU A 93 -24.95 -16.18 -8.10
C GLU A 93 -23.89 -17.29 -8.21
N MET A 94 -22.83 -17.03 -8.96
CA MET A 94 -21.75 -17.99 -9.12
C MET A 94 -21.10 -18.23 -7.76
N ALA A 95 -20.83 -17.15 -7.04
CA ALA A 95 -20.16 -17.25 -5.73
C ALA A 95 -20.96 -18.06 -4.70
N ASP A 96 -22.25 -17.79 -4.59
CA ASP A 96 -23.12 -18.50 -3.65
C ASP A 96 -23.29 -19.98 -4.03
N ALA A 97 -23.51 -20.24 -5.31
CA ALA A 97 -23.58 -21.62 -5.81
C ALA A 97 -22.31 -22.39 -5.45
N PHE A 98 -21.15 -21.77 -5.69
CA PHE A 98 -19.86 -22.42 -5.39
C PHE A 98 -19.76 -22.82 -3.94
N LYS A 99 -20.03 -21.88 -3.03
CA LYS A 99 -19.86 -22.17 -1.61
C LYS A 99 -20.88 -23.20 -1.16
N SER A 100 -22.08 -23.07 -1.70
CA SER A 100 -23.19 -23.94 -1.34
C SER A 100 -22.87 -25.38 -1.75
N ASP A 101 -22.41 -25.55 -2.99
CA ASP A 101 -22.06 -26.87 -3.52
C ASP A 101 -20.81 -27.47 -2.90
N TYR A 102 -19.83 -26.63 -2.63
CA TYR A 102 -18.58 -27.08 -2.02
C TYR A 102 -18.83 -27.71 -0.67
N PHE A 103 -19.77 -27.15 0.09
CA PHE A 103 -19.99 -27.60 1.44
C PHE A 103 -21.28 -28.41 1.60
N ASN A 104 -22.07 -28.48 0.54
CA ASN A 104 -23.43 -29.02 0.61
C ASN A 104 -24.21 -28.45 1.80
N MET A 105 -24.12 -27.14 1.98
CA MET A 105 -24.83 -26.43 3.05
C MET A 105 -25.37 -25.10 2.52
N PRO A 106 -26.38 -24.53 3.21
CA PRO A 106 -26.79 -23.16 2.85
C PRO A 106 -25.64 -22.19 3.05
N VAL A 107 -25.44 -21.22 2.16
CA VAL A 107 -24.14 -20.54 2.11
C VAL A 107 -23.72 -19.75 3.34
N HIS A 108 -24.55 -19.70 4.37
CA HIS A 108 -24.28 -18.79 5.51
C HIS A 108 -24.34 -19.58 6.75
N MET A 109 -24.60 -20.87 6.59
CA MET A 109 -24.64 -21.76 7.73
C MET A 109 -23.26 -22.36 7.91
N VAL A 110 -22.38 -22.12 6.94
CA VAL A 110 -21.00 -22.62 7.04
C VAL A 110 -20.22 -21.80 8.05
N PRO A 111 -19.81 -22.44 9.16
CA PRO A 111 -19.02 -21.83 10.24
C PRO A 111 -17.69 -21.23 9.75
N THR A 112 -17.30 -20.08 10.28
CA THR A 112 -16.11 -19.40 9.77
C THR A 112 -14.84 -20.20 10.08
N GLU A 113 -14.80 -20.84 11.25
N GLU A 113 -14.84 -20.79 11.27
CA GLU A 113 -13.63 -21.64 11.60
CA GLU A 113 -13.78 -21.70 11.73
C GLU A 113 -13.51 -22.86 10.69
C GLU A 113 -13.55 -22.83 10.72
N LEU A 114 -14.64 -23.32 10.15
CA LEU A 114 -14.60 -24.43 9.19
C LEU A 114 -14.05 -23.97 7.86
N VAL A 115 -14.51 -22.81 7.39
CA VAL A 115 -14.01 -22.29 6.12
C VAL A 115 -12.49 -22.05 6.19
N GLU A 116 -12.05 -21.54 7.34
CA GLU A 116 -10.63 -21.28 7.58
C GLU A 116 -9.80 -22.57 7.60
N LYS A 117 -10.23 -23.55 8.39
CA LYS A 117 -9.47 -24.79 8.48
C LYS A 117 -9.47 -25.46 7.10
N GLU A 118 -10.60 -25.38 6.40
CA GLU A 118 -10.70 -26.00 5.08
C GLU A 118 -9.83 -25.30 4.06
N PHE A 119 -9.75 -23.97 4.16
CA PHE A 119 -8.90 -23.21 3.25
C PHE A 119 -7.48 -23.71 3.37
N TRP A 120 -6.99 -23.81 4.60
CA TRP A 120 -5.60 -24.21 4.79
C TRP A 120 -5.38 -25.69 4.43
N ARG A 121 -6.42 -26.50 4.52
CA ARG A 121 -6.31 -27.86 3.99
C ARG A 121 -6.23 -27.83 2.47
N LEU A 122 -7.13 -27.12 1.81
CA LEU A 122 -7.17 -27.24 0.35
C LEU A 122 -5.93 -26.63 -0.34
N VAL A 123 -5.31 -25.63 0.26
CA VAL A 123 -4.18 -25.00 -0.40
C VAL A 123 -2.93 -25.88 -0.27
N SER A 124 -2.93 -26.79 0.71
CA SER A 124 -1.74 -27.59 0.97
C SER A 124 -1.80 -28.94 0.27
N THR A 125 -2.89 -29.19 -0.45
CA THR A 125 -3.10 -30.46 -1.13
C THR A 125 -2.92 -30.35 -2.65
N ILE A 126 -1.95 -31.09 -3.17
CA ILE A 126 -1.61 -31.04 -4.59
C ILE A 126 -2.76 -31.54 -5.47
N GLU A 127 -3.43 -32.58 -4.99
CA GLU A 127 -4.49 -33.25 -5.75
C GLU A 127 -5.68 -32.34 -6.03
N GLU A 128 -6.13 -31.61 -5.01
CA GLU A 128 -7.22 -30.64 -5.19
C GLU A 128 -6.75 -29.53 -6.11
N ASP A 129 -7.51 -29.25 -7.16
CA ASP A 129 -7.26 -28.05 -7.95
C ASP A 129 -8.52 -27.16 -7.95
N VAL A 130 -8.74 -26.51 -6.82
CA VAL A 130 -9.81 -25.54 -6.68
C VAL A 130 -9.41 -24.22 -7.32
N THR A 131 -10.20 -23.73 -8.26
CA THR A 131 -9.97 -22.39 -8.78
C THR A 131 -11.17 -21.49 -8.47
N VAL A 132 -10.89 -20.26 -8.03
CA VAL A 132 -11.95 -19.31 -7.73
C VAL A 132 -11.72 -18.02 -8.52
N GLU A 133 -12.68 -17.11 -8.46
CA GLU A 133 -12.56 -15.83 -9.15
C GLU A 133 -12.84 -14.67 -8.18
N TYR A 134 -12.42 -13.48 -8.56
CA TYR A 134 -12.64 -12.30 -7.73
C TYR A 134 -12.53 -11.04 -8.57
N GLY A 135 -12.96 -9.92 -7.99
CA GLY A 135 -12.80 -8.64 -8.63
C GLY A 135 -11.82 -7.78 -7.86
N ALA A 136 -10.97 -7.06 -8.58
CA ALA A 136 -10.08 -6.09 -7.97
C ALA A 136 -9.73 -5.02 -8.98
N ASP A 137 -10.19 -3.79 -8.74
CA ASP A 137 -9.96 -2.65 -9.64
C ASP A 137 -10.11 -1.34 -8.89
N ILE A 138 -9.48 -0.27 -9.41
CA ILE A 138 -9.70 1.03 -8.82
C ILE A 138 -11.08 1.51 -9.21
N ALA A 139 -11.59 2.47 -8.45
CA ALA A 139 -12.87 3.09 -8.78
C ALA A 139 -12.86 3.60 -10.22
N SER A 140 -13.91 3.28 -10.95
CA SER A 140 -14.04 3.76 -12.33
C SER A 140 -15.49 4.19 -12.56
N LYS A 141 -15.78 4.64 -13.77
CA LYS A 141 -17.14 5.07 -14.09
C LYS A 141 -18.07 3.85 -14.25
N GLU A 142 -17.49 2.69 -14.57
CA GLU A 142 -18.28 1.48 -14.76
C GLU A 142 -18.50 0.73 -13.43
N PHE A 143 -17.79 1.16 -12.40
CA PHE A 143 -17.87 0.54 -11.08
C PHE A 143 -17.22 1.48 -10.06
N GLY A 144 -18.05 2.17 -9.27
CA GLY A 144 -17.54 3.26 -8.44
C GLY A 144 -17.37 2.92 -6.98
N SER A 145 -16.94 3.91 -6.20
CA SER A 145 -16.82 3.77 -4.75
C SER A 145 -18.12 3.28 -4.10
N GLY A 146 -17.99 2.57 -2.99
CA GLY A 146 -19.16 2.18 -2.20
C GLY A 146 -19.54 3.29 -1.23
N PHE A 147 -18.68 4.29 -1.10
CA PHE A 147 -18.97 5.46 -0.29
C PHE A 147 -19.57 6.57 -1.16
N PRO A 148 -20.34 7.51 -0.55
CA PRO A 148 -20.90 8.64 -1.30
C PRO A 148 -19.81 9.52 -1.87
N VAL A 149 -19.95 9.89 -3.15
CA VAL A 149 -19.10 10.91 -3.77
C VAL A 149 -19.97 11.94 -4.47
N ARG A 150 -19.45 13.16 -4.62
CA ARG A 150 -20.24 14.23 -5.22
C ARG A 150 -20.37 14.09 -6.73
N ASP A 151 -21.57 14.39 -7.23
CA ASP A 151 -21.86 14.36 -8.66
C ASP A 151 -23.15 15.13 -9.00
N ILE A 154 -26.27 14.30 -10.28
CA ILE A 154 -27.05 13.38 -9.44
C ILE A 154 -27.33 13.95 -8.05
N LYS A 155 -28.61 14.03 -7.71
CA LYS A 155 -29.04 14.52 -6.41
C LYS A 155 -28.88 13.46 -5.32
N LEU A 156 -28.10 13.77 -4.30
CA LEU A 156 -27.85 12.84 -3.20
C LEU A 156 -28.89 13.00 -2.09
N SER A 157 -29.18 11.91 -1.39
CA SER A 157 -30.08 11.93 -0.23
C SER A 157 -29.40 12.61 0.97
N PRO A 158 -30.20 13.14 1.92
CA PRO A 158 -29.63 13.76 3.12
C PRO A 158 -28.67 12.82 3.87
N GLU A 159 -28.98 11.52 3.87
CA GLU A 159 -28.12 10.54 4.55
C GLU A 159 -26.76 10.40 3.85
N GLU A 160 -26.77 10.44 2.52
CA GLU A 160 -25.54 10.32 1.73
C GLU A 160 -24.65 11.54 1.91
N GLU A 161 -25.28 12.71 1.98
CA GLU A 161 -24.54 13.97 2.13
C GLU A 161 -23.78 14.00 3.45
N GLU A 162 -24.39 13.46 4.50
CA GLU A 162 -23.73 13.38 5.82
C GLU A 162 -22.39 12.65 5.80
N TYR A 163 -22.22 11.73 4.86
CA TYR A 163 -21.04 10.88 4.84
C TYR A 163 -20.08 11.32 3.73
N LEU A 164 -20.41 12.40 3.05
CA LEU A 164 -19.58 12.87 1.94
C LEU A 164 -18.21 13.31 2.41
N ASP A 165 -18.18 13.90 3.60
CA ASP A 165 -16.98 14.55 4.10
C ASP A 165 -16.42 13.83 5.30
N SER A 166 -16.93 12.63 5.57
CA SER A 166 -16.40 11.85 6.68
C SER A 166 -14.93 11.55 6.46
N GLY A 167 -14.14 11.65 7.52
CA GLY A 167 -12.75 11.23 7.46
C GLY A 167 -12.62 9.76 7.09
N TRP A 168 -13.62 8.96 7.47
CA TRP A 168 -13.59 7.52 7.20
C TRP A 168 -14.23 7.15 5.88
N ASN A 169 -14.73 8.13 5.15
CA ASN A 169 -15.07 7.91 3.76
C ASN A 169 -13.75 7.77 3.03
N LEU A 170 -13.45 6.58 2.52
CA LEU A 170 -12.10 6.30 2.03
C LEU A 170 -11.67 7.16 0.84
N ASN A 171 -12.63 7.85 0.22
CA ASN A 171 -12.27 8.81 -0.83
C ASN A 171 -11.58 10.05 -0.25
N ASN A 172 -11.96 10.44 0.96
CA ASN A 172 -11.43 11.64 1.59
C ASN A 172 -10.06 11.43 2.26
N MET A 173 -9.88 10.24 2.84
CA MET A 173 -8.66 9.94 3.60
C MET A 173 -7.37 10.44 2.96
N PRO A 174 -7.15 10.13 1.66
CA PRO A 174 -5.89 10.60 1.06
C PRO A 174 -5.72 12.13 0.96
N VAL A 175 -6.82 12.87 0.86
CA VAL A 175 -6.71 14.31 0.62
C VAL A 175 -6.94 15.11 1.89
N MET A 176 -7.05 14.43 3.02
CA MET A 176 -7.24 15.13 4.28
C MET A 176 -5.93 15.80 4.71
N GLU A 177 -6.02 16.62 5.75
CA GLU A 177 -4.92 17.54 6.06
C GLU A 177 -3.72 16.83 6.68
N GLN A 178 -3.96 15.91 7.61
CA GLN A 178 -2.86 15.18 8.23
C GLN A 178 -2.32 14.05 7.33
N SER A 179 -2.86 13.94 6.11
CA SER A 179 -2.32 12.99 5.15
C SER A 179 -1.14 13.59 4.41
N VAL A 180 -0.15 12.77 4.12
CA VAL A 180 1.10 13.28 3.58
C VAL A 180 1.12 13.21 2.06
N LEU A 181 0.33 12.29 1.49
CA LEU A 181 0.17 12.18 0.05
C LEU A 181 -0.87 13.19 -0.49
N ALA A 182 -1.34 14.06 0.39
CA ALA A 182 -2.44 14.97 0.08
C ALA A 182 -2.11 16.03 -0.96
N HIS A 183 -0.87 16.04 -1.43
N HIS A 183 -0.84 16.10 -1.34
CA HIS A 183 -0.40 17.12 -2.27
CA HIS A 183 -0.36 17.16 -2.22
C HIS A 183 0.68 16.63 -3.23
C HIS A 183 0.50 16.63 -3.37
N ILE A 184 0.73 15.32 -3.42
CA ILE A 184 1.57 14.74 -4.48
C ILE A 184 1.02 15.07 -5.88
N THR A 185 1.88 15.62 -6.74
CA THR A 185 1.50 16.02 -8.10
C THR A 185 1.23 14.82 -8.98
N ALA A 186 2.28 14.02 -9.18
CA ALA A 186 2.23 12.84 -10.05
C ALA A 186 0.99 12.00 -9.77
N ASP A 187 0.27 11.62 -10.82
CA ASP A 187 -0.98 10.90 -10.60
C ASP A 187 -0.69 9.43 -10.35
N ILE A 188 -0.38 9.20 -9.08
CA ILE A 188 -0.20 7.90 -8.47
C ILE A 188 -1.55 7.24 -8.25
N CYS A 189 -2.26 6.90 -9.32
CA CYS A 189 -3.63 6.44 -9.20
C CYS A 189 -3.74 5.24 -8.26
N GLY A 190 -2.69 4.41 -8.24
CA GLY A 190 -2.65 3.25 -7.37
C GLY A 190 -2.66 3.55 -5.88
N MET A 191 -2.32 4.77 -5.47
CA MET A 191 -2.08 5.03 -4.05
C MET A 191 -2.84 6.19 -3.42
N LYS A 192 -3.71 6.86 -4.18
CA LYS A 192 -4.58 7.84 -3.53
C LYS A 192 -6.03 7.62 -3.96
N LEU A 193 -6.24 6.63 -4.82
CA LEU A 193 -7.57 6.23 -5.24
C LEU A 193 -7.96 4.92 -4.56
N PRO A 194 -9.24 4.81 -4.15
CA PRO A 194 -9.65 3.54 -3.55
C PRO A 194 -9.70 2.41 -4.56
N TRP A 195 -9.46 1.20 -4.08
CA TRP A 195 -9.66 0.00 -4.85
C TRP A 195 -10.92 -0.72 -4.36
N LEU A 196 -11.66 -1.31 -5.29
CA LEU A 196 -12.85 -2.08 -5.02
C LEU A 196 -12.59 -3.57 -5.16
N TYR A 197 -13.02 -4.34 -4.17
CA TYR A 197 -12.80 -5.79 -4.18
C TYR A 197 -14.10 -6.61 -4.03
N VAL A 198 -14.42 -7.40 -5.04
CA VAL A 198 -15.56 -8.30 -4.95
C VAL A 198 -15.03 -9.72 -4.65
N GLY A 199 -15.34 -10.25 -3.46
CA GLY A 199 -14.81 -11.55 -3.07
C GLY A 199 -15.80 -12.71 -3.17
N MET A 200 -15.28 -13.94 -3.18
CA MET A 200 -16.08 -15.15 -3.01
C MET A 200 -15.35 -16.10 -2.04
N CYS A 201 -16.01 -17.19 -1.66
CA CYS A 201 -15.42 -18.16 -0.73
C CYS A 201 -14.03 -18.59 -1.21
N PHE A 202 -13.02 -18.44 -0.36
CA PHE A 202 -11.62 -18.84 -0.61
C PHE A 202 -10.81 -17.90 -1.52
N SER A 203 -11.43 -16.91 -2.17
CA SER A 203 -10.61 -16.00 -2.97
C SER A 203 -9.68 -15.28 -2.00
N SER A 204 -8.40 -15.17 -2.35
CA SER A 204 -7.44 -14.77 -1.36
C SER A 204 -6.50 -13.66 -1.80
N PHE A 205 -5.99 -12.94 -0.80
CA PHE A 205 -4.98 -11.95 -1.06
C PHE A 205 -3.68 -12.47 -0.51
N CYS A 206 -2.69 -12.65 -1.37
CA CYS A 206 -1.41 -13.23 -0.95
C CYS A 206 -0.63 -12.35 0.00
N TRP A 207 0.37 -12.92 0.69
CA TRP A 207 1.21 -12.16 1.62
C TRP A 207 1.90 -11.00 0.89
N HIS A 208 1.77 -9.80 1.44
CA HIS A 208 2.47 -8.65 0.86
C HIS A 208 2.54 -7.52 1.88
N ILE A 209 3.34 -6.52 1.54
CA ILE A 209 3.29 -5.23 2.23
C ILE A 209 2.95 -4.17 1.19
N GLU A 210 2.47 -3.03 1.66
CA GLU A 210 2.04 -1.98 0.74
C GLU A 210 3.22 -1.28 0.09
N ASP A 211 3.01 -0.75 -1.10
CA ASP A 211 3.99 0.08 -1.77
C ASP A 211 4.45 1.20 -0.86
N HIS A 212 5.76 1.43 -0.84
CA HIS A 212 6.41 2.44 -0.02
C HIS A 212 6.14 2.25 1.46
N TRP A 213 5.83 1.02 1.87
CA TRP A 213 5.51 0.71 3.27
C TRP A 213 4.40 1.60 3.83
N SER A 214 3.42 1.96 3.00
CA SER A 214 2.33 2.79 3.49
C SER A 214 1.39 2.00 4.41
N TYR A 215 0.54 2.74 5.13
CA TYR A 215 -0.66 2.18 5.75
C TYR A 215 -1.64 1.74 4.68
N SER A 216 -2.55 0.83 5.03
CA SER A 216 -3.77 0.67 4.23
C SER A 216 -4.97 0.63 5.18
N ILE A 217 -6.13 1.06 4.70
CA ILE A 217 -7.35 0.96 5.47
C ILE A 217 -8.38 0.30 4.57
N ASN A 218 -9.02 -0.75 5.09
N ASN A 218 -9.08 -0.66 5.14
CA ASN A 218 -9.96 -1.58 4.33
CA ASN A 218 -9.93 -1.57 4.40
C ASN A 218 -11.33 -1.52 5.00
C ASN A 218 -11.34 -1.59 5.01
N TYR A 219 -12.36 -1.25 4.21
CA TYR A 219 -13.72 -1.26 4.70
C TYR A 219 -14.49 -2.35 4.01
N LEU A 220 -15.12 -3.22 4.80
CA LEU A 220 -16.02 -4.21 4.24
C LEU A 220 -17.43 -3.63 4.18
N HIS A 221 -17.90 -3.30 2.99
CA HIS A 221 -19.21 -2.65 2.84
C HIS A 221 -20.33 -3.62 3.20
N TRP A 222 -20.29 -4.81 2.60
N TRP A 222 -20.21 -4.83 2.68
CA TRP A 222 -21.34 -5.80 2.84
CA TRP A 222 -21.28 -5.80 2.73
C TRP A 222 -20.90 -7.22 2.46
C TRP A 222 -20.75 -7.22 2.60
N GLY A 223 -21.52 -8.19 3.10
CA GLY A 223 -21.35 -9.60 2.76
C GLY A 223 -20.74 -10.41 3.86
N GLU A 224 -20.29 -11.60 3.49
CA GLU A 224 -19.71 -12.51 4.46
C GLU A 224 -18.31 -12.03 4.81
N PRO A 225 -17.78 -12.46 5.96
CA PRO A 225 -16.56 -11.86 6.47
C PRO A 225 -15.33 -12.10 5.61
N LYS A 226 -14.31 -11.28 5.88
CA LYS A 226 -12.99 -11.40 5.25
C LYS A 226 -12.02 -11.76 6.36
N THR A 227 -11.34 -12.90 6.23
CA THR A 227 -10.40 -13.36 7.25
C THR A 227 -9.00 -12.81 6.97
N TRP A 228 -8.35 -12.24 7.98
CA TRP A 228 -7.05 -11.61 7.84
C TRP A 228 -5.99 -12.27 8.67
N TYR A 229 -4.76 -12.34 8.16
CA TYR A 229 -3.60 -12.60 8.99
C TYR A 229 -2.63 -11.43 8.83
N GLY A 230 -2.01 -11.01 9.93
CA GLY A 230 -1.12 -9.88 9.90
C GLY A 230 0.11 -10.10 10.75
N VAL A 231 1.20 -9.46 10.33
CA VAL A 231 2.49 -9.57 11.00
C VAL A 231 3.01 -8.17 11.29
N PRO A 232 3.53 -7.92 12.49
CA PRO A 232 4.00 -6.55 12.78
C PRO A 232 5.22 -6.15 11.95
N GLY A 233 5.34 -4.86 11.70
CA GLY A 233 6.46 -4.33 10.91
C GLY A 233 7.86 -4.77 11.34
N TYR A 234 8.08 -4.91 12.64
CA TYR A 234 9.40 -5.28 13.11
C TYR A 234 9.80 -6.68 12.68
N ALA A 235 8.83 -7.49 12.27
CA ALA A 235 9.11 -8.88 11.93
C ALA A 235 9.18 -9.10 10.44
N ALA A 236 9.12 -8.01 9.67
CA ALA A 236 9.09 -8.13 8.21
C ALA A 236 10.27 -8.90 7.62
N GLU A 237 11.48 -8.63 8.09
CA GLU A 237 12.64 -9.34 7.51
C GLU A 237 12.66 -10.80 7.96
N GLN A 238 12.22 -11.09 9.18
CA GLN A 238 12.10 -12.48 9.63
C GLN A 238 11.21 -13.22 8.65
N LEU A 239 10.07 -12.61 8.32
CA LEU A 239 9.10 -13.29 7.47
C LEU A 239 9.67 -13.53 6.10
N GLU A 240 10.41 -12.54 5.61
CA GLU A 240 10.96 -12.65 4.26
C GLU A 240 12.00 -13.74 4.17
N ASN A 241 12.77 -13.88 5.24
CA ASN A 241 13.76 -14.95 5.32
C ASN A 241 13.09 -16.32 5.32
N VAL A 242 12.00 -16.47 6.06
CA VAL A 242 11.27 -17.74 6.05
C VAL A 242 10.80 -18.02 4.64
N MET A 243 10.29 -17.00 3.98
CA MET A 243 9.72 -17.21 2.66
C MET A 243 10.78 -17.50 1.61
N LYS A 244 11.91 -16.78 1.70
CA LYS A 244 13.03 -17.01 0.81
C LYS A 244 13.47 -18.48 0.89
N LYS A 245 13.48 -19.01 2.10
CA LYS A 245 13.92 -20.39 2.32
C LYS A 245 12.95 -21.41 1.72
N LEU A 246 11.65 -21.18 1.88
CA LEU A 246 10.66 -22.15 1.40
C LEU A 246 10.21 -21.93 -0.05
N ALA A 247 10.38 -20.71 -0.56
CA ALA A 247 9.94 -20.41 -1.93
C ALA A 247 10.83 -19.36 -2.59
N PRO A 248 12.10 -19.72 -2.88
CA PRO A 248 13.09 -18.78 -3.42
C PRO A 248 12.74 -18.25 -4.81
N GLU A 249 11.99 -19.04 -5.59
CA GLU A 249 11.53 -18.60 -6.91
C GLU A 249 10.73 -17.29 -6.85
N LEU A 250 10.24 -16.94 -5.66
CA LEU A 250 9.52 -15.68 -5.47
C LEU A 250 10.41 -14.46 -5.39
N PHE A 251 11.70 -14.68 -5.24
CA PHE A 251 12.60 -13.57 -4.93
C PHE A 251 13.55 -13.18 -6.07
N VAL A 252 13.37 -13.82 -7.23
CA VAL A 252 14.13 -13.44 -8.43
C VAL A 252 13.75 -12.03 -8.88
N SER A 253 14.60 -11.40 -9.68
CA SER A 253 14.38 -10.02 -10.10
C SER A 253 13.28 -9.92 -11.16
N GLN A 254 12.53 -8.83 -11.11
CA GLN A 254 11.40 -8.62 -12.02
C GLN A 254 11.56 -7.32 -12.81
N PRO A 255 11.14 -7.33 -14.09
CA PRO A 255 11.34 -6.21 -15.02
C PRO A 255 10.58 -4.93 -14.68
N ASP A 256 9.54 -5.01 -13.85
CA ASP A 256 8.78 -3.84 -13.44
C ASP A 256 7.86 -4.09 -12.24
N LEU A 257 7.11 -3.06 -11.87
CA LEU A 257 6.14 -3.15 -10.77
C LEU A 257 5.03 -4.15 -11.04
N LEU A 258 4.65 -4.27 -12.32
CA LEU A 258 3.55 -5.14 -12.71
C LEU A 258 3.94 -6.62 -12.71
N HIS A 259 5.11 -6.93 -12.15
CA HIS A 259 5.61 -8.29 -12.18
C HIS A 259 5.99 -8.82 -10.81
N GLN A 260 5.55 -8.14 -9.75
CA GLN A 260 5.79 -8.63 -8.39
C GLN A 260 5.19 -10.02 -8.19
N LEU A 261 5.93 -10.88 -7.49
CA LEU A 261 5.46 -12.24 -7.21
C LEU A 261 5.05 -12.36 -5.75
N VAL A 262 3.90 -12.99 -5.51
CA VAL A 262 3.38 -13.15 -4.16
C VAL A 262 2.80 -14.56 -4.01
N THR A 263 2.62 -15.01 -2.78
CA THR A 263 2.12 -16.36 -2.55
C THR A 263 1.22 -16.51 -1.31
N ILE A 264 0.41 -17.56 -1.33
CA ILE A 264 -0.29 -18.05 -0.15
C ILE A 264 0.66 -18.83 0.76
N MET A 265 0.65 -18.56 2.05
CA MET A 265 1.44 -19.37 2.96
C MET A 265 0.81 -19.48 4.35
N ASN A 266 0.76 -20.70 4.86
CA ASN A 266 0.14 -20.99 6.14
C ASN A 266 0.74 -20.19 7.29
N PRO A 267 -0.07 -19.42 8.01
CA PRO A 267 0.53 -18.68 9.12
C PRO A 267 1.18 -19.58 10.18
N ASN A 268 0.75 -20.83 10.30
CA ASN A 268 1.37 -21.75 11.27
C ASN A 268 2.84 -22.00 10.90
N THR A 269 3.12 -22.02 9.61
CA THR A 269 4.49 -22.16 9.12
C THR A 269 5.32 -20.99 9.64
N LEU A 270 4.79 -19.78 9.47
CA LEU A 270 5.47 -18.60 9.98
C LEU A 270 5.66 -18.69 11.49
N MET A 271 4.60 -19.07 12.19
CA MET A 271 4.63 -19.13 13.65
C MET A 271 5.63 -20.16 14.17
N THR A 272 5.82 -21.23 13.41
CA THR A 272 6.83 -22.24 13.74
C THR A 272 8.22 -21.64 13.68
N HIS A 273 8.43 -20.70 12.75
CA HIS A 273 9.73 -20.08 12.61
C HIS A 273 9.85 -18.79 13.40
N GLU A 274 9.05 -18.67 14.46
CA GLU A 274 9.11 -17.54 15.40
C GLU A 274 8.67 -16.19 14.84
N VAL A 275 7.89 -16.22 13.77
CA VAL A 275 7.26 -15.00 13.24
C VAL A 275 5.91 -14.79 13.91
N PRO A 276 5.75 -13.70 14.65
CA PRO A 276 4.46 -13.39 15.28
C PRO A 276 3.37 -13.09 14.24
N VAL A 277 2.25 -13.79 14.34
CA VAL A 277 1.13 -13.62 13.42
C VAL A 277 -0.18 -13.43 14.18
N TYR A 278 -1.02 -12.51 13.72
CA TYR A 278 -2.32 -12.31 14.36
C TYR A 278 -3.41 -12.48 13.32
N ARG A 279 -4.64 -12.73 13.77
CA ARG A 279 -5.73 -12.94 12.85
C ARG A 279 -6.94 -12.08 13.19
N THR A 280 -7.87 -12.00 12.25
CA THR A 280 -9.19 -11.49 12.57
C THR A 280 -10.18 -11.86 11.49
N ASN A 281 -11.46 -11.91 11.85
CA ASN A 281 -12.52 -11.97 10.86
C ASN A 281 -13.14 -10.58 10.76
N GLN A 282 -12.98 -9.95 9.61
CA GLN A 282 -13.57 -8.64 9.41
C GLN A 282 -14.99 -8.82 8.91
N CYS A 283 -15.97 -8.27 9.62
CA CYS A 283 -17.36 -8.37 9.19
C CYS A 283 -17.83 -7.07 8.54
N ALA A 284 -18.96 -7.14 7.85
CA ALA A 284 -19.56 -5.97 7.21
C ALA A 284 -19.67 -4.82 8.21
N GLY A 285 -19.27 -3.61 7.80
CA GLY A 285 -19.31 -2.44 8.66
C GLY A 285 -18.05 -2.24 9.49
N GLU A 286 -17.08 -3.13 9.34
CA GLU A 286 -15.86 -2.96 10.12
C GLU A 286 -14.66 -2.59 9.24
N PHE A 287 -13.72 -1.89 9.86
CA PHE A 287 -12.48 -1.48 9.23
C PHE A 287 -11.36 -2.38 9.68
N VAL A 288 -10.46 -2.71 8.74
CA VAL A 288 -9.15 -3.23 9.12
C VAL A 288 -8.05 -2.24 8.70
N ILE A 289 -7.10 -1.98 9.58
CA ILE A 289 -6.00 -1.10 9.28
C ILE A 289 -4.68 -1.86 9.30
N THR A 290 -3.88 -1.73 8.26
CA THR A 290 -2.54 -2.32 8.25
C THR A 290 -1.49 -1.22 8.42
N PHE A 291 -0.45 -1.51 9.21
CA PHE A 291 0.55 -0.52 9.57
C PHE A 291 1.79 -0.63 8.66
N PRO A 292 2.65 0.39 8.66
CA PRO A 292 3.80 0.36 7.74
C PRO A 292 4.64 -0.91 7.84
N ARG A 293 4.91 -1.55 6.70
N ARG A 293 4.89 -1.52 6.68
CA ARG A 293 5.79 -2.71 6.64
CA ARG A 293 5.73 -2.72 6.54
C ARG A 293 5.17 -3.88 7.43
C ARG A 293 5.13 -3.93 7.24
N ALA A 294 3.86 -3.86 7.63
CA ALA A 294 3.17 -5.01 8.25
C ALA A 294 2.67 -5.97 7.17
N TYR A 295 3.29 -7.16 7.11
CA TYR A 295 2.86 -8.18 6.15
C TYR A 295 1.43 -8.64 6.43
N HIS A 296 0.64 -8.89 5.38
CA HIS A 296 -0.69 -9.40 5.65
C HIS A 296 -1.21 -10.19 4.47
N SER A 297 -2.15 -11.07 4.76
N SER A 297 -2.15 -11.07 4.76
CA SER A 297 -2.76 -11.94 3.77
CA SER A 297 -2.75 -11.96 3.77
C SER A 297 -4.13 -12.35 4.31
C SER A 297 -4.06 -12.49 4.35
N GLY A 298 -4.91 -13.04 3.49
CA GLY A 298 -6.15 -13.60 3.98
C GLY A 298 -7.01 -14.12 2.85
N PHE A 299 -8.29 -14.30 3.14
CA PHE A 299 -9.19 -14.85 2.15
C PHE A 299 -10.62 -14.47 2.56
N ASN A 300 -11.50 -14.52 1.59
CA ASN A 300 -12.88 -14.20 1.84
C ASN A 300 -13.67 -15.45 2.23
N GLN A 301 -14.58 -15.27 3.19
CA GLN A 301 -15.47 -16.34 3.64
C GLN A 301 -16.59 -16.65 2.67
N GLY A 302 -16.92 -15.71 1.80
CA GLY A 302 -18.03 -15.85 0.88
C GLY A 302 -18.20 -14.57 0.07
N PHE A 303 -19.27 -14.48 -0.70
CA PHE A 303 -19.60 -13.30 -1.48
C PHE A 303 -19.56 -12.04 -0.61
N ASN A 304 -18.73 -11.08 -1.00
CA ASN A 304 -18.65 -9.84 -0.26
C ASN A 304 -18.06 -8.69 -1.09
N PHE A 305 -18.03 -7.50 -0.50
CA PHE A 305 -17.68 -6.31 -1.26
C PHE A 305 -16.95 -5.36 -0.36
N ALA A 306 -15.70 -5.09 -0.71
CA ALA A 306 -14.83 -4.30 0.14
C ALA A 306 -14.22 -3.17 -0.66
N GLU A 307 -13.63 -2.23 0.06
CA GLU A 307 -13.04 -1.04 -0.52
C GLU A 307 -11.89 -0.64 0.38
N ALA A 308 -10.76 -0.30 -0.24
CA ALA A 308 -9.55 -0.08 0.53
C ALA A 308 -8.71 1.03 -0.10
N VAL A 309 -7.88 1.68 0.71
CA VAL A 309 -7.02 2.73 0.19
C VAL A 309 -5.73 2.79 0.98
N ASN A 310 -4.65 3.14 0.28
CA ASN A 310 -3.36 3.40 0.90
C ASN A 310 -3.37 4.76 1.57
N PHE A 311 -2.61 4.93 2.63
CA PHE A 311 -2.38 6.28 3.12
C PHE A 311 -1.10 6.40 3.93
N CYS A 312 -0.66 7.64 4.06
CA CYS A 312 0.60 7.94 4.68
C CYS A 312 0.44 9.09 5.67
N THR A 313 0.78 8.85 6.91
CA THR A 313 0.70 9.86 7.96
C THR A 313 2.09 10.43 8.23
N VAL A 314 2.18 11.39 9.15
CA VAL A 314 3.48 11.98 9.52
C VAL A 314 4.36 10.96 10.21
N ASP A 315 3.75 10.03 10.93
CA ASP A 315 4.44 8.92 11.55
C ASP A 315 5.21 8.11 10.50
N TRP A 316 4.65 8.05 9.29
CA TRP A 316 5.19 7.20 8.24
C TRP A 316 6.41 7.82 7.54
N LEU A 317 6.50 9.15 7.52
CA LEU A 317 7.50 9.83 6.68
C LEU A 317 8.92 9.26 6.79
N PRO A 318 9.47 9.09 8.01
CA PRO A 318 10.82 8.52 8.04
C PRO A 318 10.91 7.10 7.49
N LEU A 319 9.85 6.32 7.65
CA LEU A 319 9.82 4.96 7.12
C LEU A 319 9.79 4.97 5.61
N GLY A 320 9.08 5.94 5.05
CA GLY A 320 9.06 6.10 3.60
C GLY A 320 10.47 6.29 3.05
N ARG A 321 11.29 7.09 3.73
CA ARG A 321 12.68 7.28 3.27
C ARG A 321 13.44 5.95 3.37
N GLN A 322 13.25 5.25 4.49
N GLN A 322 13.26 5.24 4.49
CA GLN A 322 13.91 3.97 4.69
CA GLN A 322 13.91 3.94 4.67
C GLN A 322 13.45 2.95 3.65
C GLN A 322 13.47 2.97 3.60
N CYS A 323 12.17 2.98 3.28
CA CYS A 323 11.66 2.07 2.26
C CYS A 323 12.35 2.28 0.91
N VAL A 324 12.55 3.52 0.51
CA VAL A 324 13.16 3.80 -0.79
C VAL A 324 14.63 3.36 -0.81
N GLU A 325 15.32 3.55 0.31
CA GLU A 325 16.66 3.00 0.50
C GLU A 325 16.65 1.48 0.36
N HIS A 326 15.69 0.83 1.01
CA HIS A 326 15.55 -0.62 0.88
C HIS A 326 15.24 -1.01 -0.56
N TYR A 327 14.38 -0.25 -1.22
CA TYR A 327 14.10 -0.50 -2.64
C TYR A 327 15.38 -0.42 -3.48
N ARG A 328 16.25 0.53 -3.14
CA ARG A 328 17.49 0.71 -3.90
C ARG A 328 18.37 -0.52 -3.75
N LEU A 329 18.54 -0.98 -2.51
CA LEU A 329 19.30 -2.20 -2.23
C LEU A 329 18.79 -3.40 -3.02
N LEU A 330 17.48 -3.42 -3.28
CA LEU A 330 16.85 -4.55 -3.96
C LEU A 330 16.71 -4.37 -5.46
N HIS A 331 17.12 -3.21 -5.97
CA HIS A 331 16.88 -2.86 -7.37
C HIS A 331 15.38 -2.93 -7.69
N ARG A 332 14.57 -2.52 -6.72
CA ARG A 332 13.12 -2.51 -6.86
C ARG A 332 12.58 -1.13 -7.34
N TYR A 333 11.65 -1.15 -8.30
CA TYR A 333 11.09 0.08 -8.82
C TYR A 333 10.26 0.85 -7.79
N CYS A 334 10.26 2.18 -7.91
CA CYS A 334 9.53 3.05 -6.99
C CYS A 334 8.19 3.40 -7.59
N VAL A 335 7.19 3.65 -6.76
CA VAL A 335 5.94 4.16 -7.31
C VAL A 335 6.03 5.68 -7.51
N PHE A 336 6.76 6.34 -6.62
CA PHE A 336 6.99 7.78 -6.78
C PHE A 336 8.32 8.11 -6.14
N SER A 337 8.81 9.32 -6.39
CA SER A 337 10.01 9.79 -5.69
C SER A 337 9.63 10.36 -4.34
N HIS A 338 10.16 9.78 -3.27
CA HIS A 338 9.97 10.30 -1.92
C HIS A 338 10.55 11.74 -1.77
N ASP A 339 11.74 11.97 -2.30
CA ASP A 339 12.34 13.31 -2.21
C ASP A 339 11.49 14.35 -2.94
N GLU A 340 10.99 13.98 -4.12
CA GLU A 340 10.12 14.88 -4.86
C GLU A 340 8.86 15.22 -4.05
N MET A 341 8.32 14.23 -3.35
CA MET A 341 7.15 14.51 -2.50
C MET A 341 7.47 15.50 -1.37
N ILE A 342 8.62 15.28 -0.72
CA ILE A 342 9.09 16.12 0.37
C ILE A 342 9.27 17.57 -0.11
N CYS A 343 9.96 17.73 -1.25
CA CYS A 343 10.21 19.04 -1.80
C CYS A 343 8.94 19.73 -2.27
N LYS A 344 7.99 18.94 -2.76
CA LYS A 344 6.70 19.50 -3.18
C LYS A 344 6.02 20.08 -1.95
N MET A 345 6.00 19.33 -0.87
CA MET A 345 5.42 19.84 0.37
C MET A 345 6.15 21.08 0.91
N ALA A 346 7.48 21.02 1.01
CA ALA A 346 8.27 22.19 1.41
C ALA A 346 7.88 23.41 0.58
N SER A 347 7.71 23.23 -0.73
CA SER A 347 7.35 24.34 -1.58
C SER A 347 5.94 24.87 -1.29
N LYS A 348 5.16 24.14 -0.51
CA LYS A 348 3.81 24.57 -0.14
C LYS A 348 3.70 24.77 1.37
N ALA A 349 4.82 25.09 2.00
CA ALA A 349 4.91 25.14 3.45
C ALA A 349 3.84 26.04 4.09
N ASP A 350 3.52 27.16 3.45
CA ASP A 350 2.54 28.09 4.03
C ASP A 350 1.13 27.53 4.18
N VAL A 351 0.81 26.41 3.52
CA VAL A 351 -0.54 25.86 3.64
C VAL A 351 -0.56 24.49 4.31
N LEU A 352 0.61 23.99 4.69
CA LEU A 352 0.68 22.71 5.38
C LEU A 352 0.14 22.82 6.79
N ASP A 353 -0.50 21.73 7.24
CA ASP A 353 -0.77 21.54 8.65
C ASP A 353 0.52 21.75 9.44
N VAL A 354 0.44 22.30 10.64
CA VAL A 354 1.66 22.68 11.36
C VAL A 354 2.47 21.49 11.85
N VAL A 355 1.81 20.39 12.18
CA VAL A 355 2.56 19.21 12.61
C VAL A 355 3.20 18.55 11.40
N VAL A 356 2.50 18.60 10.28
CA VAL A 356 3.06 18.11 9.03
C VAL A 356 4.33 18.90 8.67
N ALA A 357 4.24 20.22 8.78
CA ALA A 357 5.37 21.08 8.43
C ALA A 357 6.57 20.69 9.26
N SER A 358 6.35 20.53 10.56
CA SER A 358 7.40 20.12 11.47
C SER A 358 8.05 18.77 11.12
N THR A 359 7.23 17.82 10.71
CA THR A 359 7.73 16.48 10.38
C THR A 359 8.47 16.48 9.03
N VAL A 360 7.93 17.20 8.06
CA VAL A 360 8.58 17.35 6.76
C VAL A 360 9.95 18.01 6.91
N GLN A 361 10.03 18.99 7.81
CA GLN A 361 11.28 19.73 8.02
C GLN A 361 12.39 18.78 8.46
N LYS A 362 12.06 17.86 9.37
CA LYS A 362 13.02 16.87 9.84
C LYS A 362 13.47 15.91 8.74
N ASP A 363 12.54 15.43 7.92
CA ASP A 363 12.94 14.51 6.86
C ASP A 363 13.82 15.25 5.83
N MET A 364 13.42 16.49 5.53
CA MET A 364 14.16 17.31 4.57
C MET A 364 15.59 17.53 5.06
N ALA A 365 15.76 17.71 6.37
CA ALA A 365 17.11 17.91 6.92
C ALA A 365 17.97 16.70 6.68
N ILE A 366 17.40 15.51 6.88
CA ILE A 366 18.15 14.29 6.63
C ILE A 366 18.47 14.16 5.14
N MET A 367 17.47 14.45 4.30
CA MET A 367 17.66 14.40 2.86
C MET A 367 18.84 15.29 2.45
N ILE A 368 18.86 16.50 2.99
CA ILE A 368 19.88 17.47 2.61
C ILE A 368 21.25 17.00 3.06
N GLU A 369 21.37 16.54 4.30
CA GLU A 369 22.65 16.02 4.77
C GLU A 369 23.11 14.82 3.96
N ASP A 370 22.20 13.91 3.61
CA ASP A 370 22.60 12.76 2.78
C ASP A 370 23.05 13.22 1.38
N GLU A 371 22.37 14.24 0.86
CA GLU A 371 22.61 14.68 -0.51
C GLU A 371 23.97 15.38 -0.56
N LYS A 372 24.27 16.12 0.48
CA LYS A 372 25.55 16.80 0.58
C LYS A 372 26.69 15.79 0.52
N ALA A 373 26.54 14.72 1.29
CA ALA A 373 27.58 13.70 1.35
C ALA A 373 27.73 13.01 -0.01
N LEU A 374 26.60 12.72 -0.65
CA LEU A 374 26.66 12.09 -1.97
C LEU A 374 27.33 12.98 -3.01
N ARG A 375 27.01 14.27 -3.00
CA ARG A 375 27.58 15.17 -4.01
C ARG A 375 29.07 15.34 -3.79
N GLU A 376 29.49 15.39 -2.53
CA GLU A 376 30.92 15.46 -2.24
C GLU A 376 31.63 14.22 -2.75
N THR A 377 31.02 13.04 -2.53
CA THR A 377 31.60 11.80 -3.02
C THR A 377 31.74 11.77 -4.53
N VAL A 378 30.73 12.22 -5.27
CA VAL A 378 30.85 12.12 -6.72
C VAL A 378 31.86 13.15 -7.24
N ARG A 379 31.96 14.30 -6.59
CA ARG A 379 33.00 15.29 -6.94
C ARG A 379 34.40 14.69 -6.79
N LYS A 380 34.62 13.96 -5.70
CA LYS A 380 35.92 13.34 -5.46
C LYS A 380 36.21 12.25 -6.49
N LEU A 381 35.17 11.75 -7.15
CA LEU A 381 35.38 10.74 -8.17
C LEU A 381 35.75 11.38 -9.49
N GLY A 382 35.64 12.71 -9.56
CA GLY A 382 36.09 13.41 -10.75
C GLY A 382 34.98 13.87 -11.68
N VAL A 383 33.72 13.78 -11.21
CA VAL A 383 32.63 14.41 -11.93
C VAL A 383 32.66 15.90 -11.61
N ILE A 384 32.88 16.72 -12.62
CA ILE A 384 33.05 18.15 -12.37
C ILE A 384 31.95 18.99 -12.99
N ASP A 385 31.65 18.71 -14.25
CA ASP A 385 30.61 19.43 -14.96
C ASP A 385 29.25 19.19 -14.30
N SER A 386 28.39 20.20 -14.31
CA SER A 386 27.05 20.04 -13.75
C SER A 386 26.03 20.93 -14.47
N GLU A 387 24.75 20.58 -14.37
CA GLU A 387 23.68 21.36 -14.95
C GLU A 387 22.36 21.10 -14.22
N ARG A 388 21.63 22.15 -13.90
CA ARG A 388 20.35 21.99 -13.22
C ARG A 388 19.38 21.22 -14.14
N MET A 389 18.50 20.43 -13.54
CA MET A 389 17.53 19.70 -14.34
C MET A 389 16.24 19.52 -13.55
N ASP A 390 15.11 19.85 -14.17
CA ASP A 390 13.81 19.68 -13.53
C ASP A 390 13.32 18.23 -13.64
N PHE A 391 13.88 17.37 -12.81
CA PHE A 391 13.59 15.94 -12.85
C PHE A 391 12.08 15.63 -12.85
N GLU A 392 11.30 16.46 -12.14
CA GLU A 392 9.87 16.14 -11.96
C GLU A 392 9.11 16.20 -13.27
N LEU A 393 9.71 16.80 -14.30
CA LEU A 393 9.07 16.87 -15.62
C LEU A 393 9.25 15.61 -16.48
N LEU A 394 10.24 14.80 -16.14
CA LEU A 394 10.50 13.57 -16.89
C LEU A 394 9.56 12.47 -16.44
N PRO A 395 8.99 11.75 -17.41
CA PRO A 395 8.30 10.50 -17.08
C PRO A 395 9.21 9.63 -16.22
N ASP A 396 8.63 8.88 -15.29
CA ASP A 396 9.41 8.04 -14.39
C ASP A 396 10.38 7.12 -15.14
N ASP A 397 9.93 6.52 -16.23
CA ASP A 397 10.76 5.54 -16.92
C ASP A 397 11.91 6.22 -17.66
N GLU A 398 11.93 7.56 -17.66
CA GLU A 398 13.06 8.29 -18.20
C GLU A 398 14.00 8.84 -17.11
N ARG A 399 13.71 8.55 -15.84
CA ARG A 399 14.63 8.97 -14.80
C ARG A 399 14.88 7.90 -13.72
N GLN A 400 14.91 6.65 -14.13
CA GLN A 400 15.26 5.57 -13.21
C GLN A 400 16.75 5.24 -13.31
N CYS A 401 17.40 5.05 -12.17
CA CYS A 401 18.80 4.64 -12.17
C CYS A 401 18.95 3.33 -12.94
N VAL A 402 19.80 3.35 -13.95
CA VAL A 402 20.07 2.18 -14.79
C VAL A 402 20.44 0.95 -13.94
N LYS A 403 21.14 1.18 -12.85
CA LYS A 403 21.56 0.08 -11.98
C LYS A 403 20.48 -0.33 -10.97
N CYS A 404 20.04 0.61 -10.13
CA CYS A 404 19.19 0.21 -9.00
C CYS A 404 17.71 0.54 -9.17
N LYS A 405 17.36 1.10 -10.33
CA LYS A 405 15.98 1.42 -10.73
C LYS A 405 15.30 2.53 -9.88
N THR A 406 16.02 3.17 -8.98
CA THR A 406 15.43 4.21 -8.16
C THR A 406 14.94 5.37 -9.04
N THR A 407 13.85 5.99 -8.65
CA THR A 407 13.36 7.16 -9.37
C THR A 407 14.17 8.37 -8.92
N CYS A 408 14.96 8.94 -9.83
CA CYS A 408 15.80 10.11 -9.48
C CYS A 408 15.00 11.41 -9.31
N PHE A 409 15.47 12.27 -8.42
CA PHE A 409 14.92 13.61 -8.30
C PHE A 409 15.96 14.64 -7.82
N MET A 410 16.67 14.35 -6.72
CA MET A 410 17.63 15.32 -6.20
C MET A 410 18.78 15.48 -7.18
N SER A 411 19.25 14.36 -7.72
CA SER A 411 20.37 14.40 -8.65
C SER A 411 20.60 13.07 -9.34
N ALA A 412 21.36 13.12 -10.43
CA ALA A 412 21.78 11.93 -11.17
C ALA A 412 23.02 12.24 -12.00
N ILE A 413 23.63 11.20 -12.54
CA ILE A 413 24.76 11.33 -13.44
C ILE A 413 24.37 10.89 -14.85
N SER A 414 24.74 11.69 -15.84
CA SER A 414 24.57 11.31 -17.23
C SER A 414 25.90 11.35 -17.95
N CYS A 415 25.95 10.73 -19.12
CA CYS A 415 27.10 10.85 -20.00
C CYS A 415 26.63 10.95 -21.44
N SER A 416 27.21 11.87 -22.21
CA SER A 416 26.84 12.08 -23.61
C SER A 416 27.01 10.81 -24.44
N CYS A 417 27.93 9.96 -23.99
CA CYS A 417 28.10 8.59 -24.49
C CYS A 417 26.83 7.72 -24.55
N LYS A 418 25.92 7.89 -23.59
CA LYS A 418 24.69 7.09 -23.57
C LYS A 418 23.49 7.98 -23.35
N PRO A 419 23.02 8.62 -24.44
CA PRO A 419 21.95 9.62 -24.37
C PRO A 419 20.71 9.09 -23.65
N GLY A 420 20.20 9.87 -22.71
CA GLY A 420 18.96 9.51 -22.04
C GLY A 420 19.12 8.64 -20.81
N LEU A 421 20.28 8.00 -20.64
CA LEU A 421 20.47 7.14 -19.47
C LEU A 421 20.98 7.90 -18.25
N LEU A 422 20.56 7.46 -17.07
CA LEU A 422 20.95 8.08 -15.81
C LEU A 422 21.36 7.02 -14.82
N VAL A 423 22.28 7.37 -13.93
CA VAL A 423 22.45 6.59 -12.71
C VAL A 423 22.27 7.54 -11.54
N CYS A 424 21.80 7.00 -10.40
CA CYS A 424 21.77 7.79 -9.18
C CYS A 424 23.22 7.93 -8.69
N LEU A 425 23.43 8.71 -7.64
CA LEU A 425 24.80 9.02 -7.23
C LEU A 425 25.48 7.89 -6.47
N HIS A 426 24.72 6.87 -6.12
CA HIS A 426 25.23 5.64 -5.51
C HIS A 426 25.88 4.76 -6.56
N HIS A 427 25.52 4.99 -7.82
CA HIS A 427 25.95 4.10 -8.89
C HIS A 427 26.65 4.82 -10.03
N VAL A 428 27.48 5.80 -9.66
CA VAL A 428 28.28 6.55 -10.63
C VAL A 428 29.16 5.63 -11.49
N LYS A 429 29.69 4.57 -10.90
CA LYS A 429 30.53 3.62 -11.65
C LYS A 429 29.77 2.74 -12.65
N GLU A 430 28.44 2.80 -12.64
CA GLU A 430 27.66 1.81 -13.38
C GLU A 430 27.05 2.30 -14.69
N LEU A 431 27.42 3.49 -15.14
CA LEU A 431 26.77 4.07 -16.30
C LEU A 431 27.44 3.71 -17.63
N CYS A 432 28.77 3.78 -17.67
CA CYS A 432 29.52 3.53 -18.90
C CYS A 432 31.00 3.49 -18.61
N SER A 433 31.79 3.19 -19.65
CA SER A 433 33.23 3.03 -19.47
C SER A 433 34.03 4.35 -19.55
N CYS A 434 33.39 5.44 -19.95
CA CYS A 434 34.07 6.74 -20.04
C CYS A 434 34.59 7.17 -18.67
N PRO A 435 35.68 7.96 -18.65
CA PRO A 435 36.15 8.54 -17.40
C PRO A 435 35.13 9.54 -16.86
N PRO A 436 35.02 9.64 -15.53
CA PRO A 436 34.05 10.52 -14.87
C PRO A 436 34.12 12.00 -15.29
N TYR A 437 35.25 12.48 -15.80
CA TYR A 437 35.27 13.90 -16.21
C TYR A 437 34.38 14.15 -17.43
N LYS A 438 33.98 13.08 -18.13
CA LYS A 438 33.03 13.21 -19.23
C LYS A 438 31.57 13.24 -18.76
N TYR A 439 31.35 13.00 -17.47
CA TYR A 439 30.00 12.94 -16.91
C TYR A 439 29.46 14.32 -16.57
N LYS A 440 28.15 14.42 -16.45
CA LYS A 440 27.53 15.62 -15.91
C LYS A 440 26.73 15.24 -14.69
N LEU A 441 26.87 16.02 -13.62
CA LEU A 441 25.95 15.93 -12.51
C LEU A 441 24.69 16.75 -12.83
N ARG A 442 23.55 16.08 -12.95
CA ARG A 442 22.26 16.78 -13.12
CA ARG A 442 22.29 16.80 -13.11
C ARG A 442 21.59 16.90 -11.77
N TYR A 443 21.24 18.12 -11.38
CA TYR A 443 20.71 18.32 -10.04
C TYR A 443 19.44 19.16 -10.07
N ARG A 444 18.55 18.94 -9.10
CA ARG A 444 17.33 19.74 -9.05
C ARG A 444 17.53 21.06 -8.33
N TYR A 445 18.31 21.03 -7.24
CA TYR A 445 18.49 22.18 -6.36
C TYR A 445 19.93 22.37 -5.97
N THR A 446 20.35 23.62 -5.76
CA THR A 446 21.56 23.90 -4.98
C THR A 446 21.19 23.95 -3.51
N LEU A 447 22.17 23.98 -2.61
CA LEU A 447 21.87 24.22 -1.20
C LEU A 447 21.08 25.50 -0.97
N ASP A 448 21.47 26.55 -1.69
CA ASP A 448 20.79 27.84 -1.58
C ASP A 448 19.33 27.81 -2.00
N ASP A 449 18.94 26.92 -2.90
CA ASP A 449 17.53 26.82 -3.24
C ASP A 449 16.76 26.22 -2.08
N LEU A 450 17.42 25.35 -1.34
CA LEU A 450 16.72 24.51 -0.36
C LEU A 450 16.47 25.23 0.97
N TYR A 451 17.41 26.07 1.40
CA TYR A 451 17.33 26.66 2.74
C TYR A 451 16.16 27.64 2.92
N PRO A 452 15.79 28.41 1.89
CA PRO A 452 14.52 29.10 2.06
C PRO A 452 13.32 28.14 2.24
N MET A 453 13.38 26.97 1.64
CA MET A 453 12.26 26.03 1.75
C MET A 453 12.25 25.46 3.17
N MET A 454 13.43 25.06 3.64
CA MET A 454 13.64 24.68 5.03
C MET A 454 13.17 25.74 6.02
N ASN A 455 13.56 26.99 5.79
N ASN A 455 13.57 26.98 5.75
CA ASN A 455 13.14 28.07 6.69
CA ASN A 455 13.21 28.12 6.56
C ASN A 455 11.64 28.28 6.67
C ASN A 455 11.69 28.31 6.63
N ALA A 456 11.03 28.14 5.50
CA ALA A 456 9.58 28.29 5.40
C ALA A 456 8.89 27.25 6.28
N LEU A 457 9.40 26.01 6.23
CA LEU A 457 8.84 24.93 7.03
C LEU A 457 8.96 25.24 8.53
N LYS A 458 10.13 25.73 8.93
CA LYS A 458 10.37 26.09 10.32
C LYS A 458 9.40 27.19 10.79
N LEU A 459 9.25 28.23 9.98
CA LEU A 459 8.32 29.31 10.29
C LEU A 459 6.89 28.80 10.42
N ARG A 460 6.46 27.97 9.47
CA ARG A 460 5.11 27.41 9.52
C ARG A 460 4.95 26.53 10.76
N ALA A 461 6.00 25.78 11.10
CA ALA A 461 5.98 24.91 12.27
C ALA A 461 6.15 25.69 13.57
N GLU A 462 6.75 26.88 13.47
CA GLU A 462 7.16 27.67 14.64
C GLU A 462 8.11 26.88 15.54
#